data_8PAW
#
_entry.id   8PAW
#
_cell.length_a   75.447
_cell.length_b   105.627
_cell.length_c   110.563
_cell.angle_alpha   90.00
_cell.angle_beta   90.00
_cell.angle_gamma   90.00
#
_symmetry.space_group_name_H-M   'P 21 21 21'
#
loop_
_entity.id
_entity.type
_entity.pdbx_description
1 polymer 'Serine/threonine-protein kinase 4 37kDa subunit'
2 non-polymer 'ASPARTIC ACID'
3 non-polymer 1-[3,5-bis(fluoranyl)-4-[[3-(1-propan-2-ylpyrazol-3-yl)-1~{H}-pyrrolo[2,3-b]pyridin-4-yl]oxy]phenyl]-3-(2-methoxyethyl)urea
4 non-polymer GLYCEROL
5 non-polymer '3-CYCLOHEXYL-1-PROPYLSULFONIC ACID'
6 water water
#
_entity_poly.entity_id   1
_entity_poly.type   'polypeptide(L)'
_entity_poly.pdbx_seq_one_letter_code
;GMETVQLRNPPRRQLKKLDEDSLTKQPEEVFDVLEKLGEGSYGSVYKAIHKETGQIVAIKQVPVESDLQEIIKEISIMQQ
CDSPHVVKYYGSYFKNTDLWIVMEYCGAGSVSDIIRLRNKTLTEDEIATILQSTLKGLEYLHFMRKIHRDIKAGNILLNT
EGHAKLADFGVAGQLTD(TPO)MAKRN(TPO)VIGTPFWMAPEVIQEIGYNCVADIWSLGITAIEMAEGKPPYADIHPMR
AIFMIPTNPPPTFRKPELWSDNFTDFVKQCLVKSPEQRATATQLLQHPFVRSAKGVSILRDLINEAMDVKLKRQESQQRE
;
_entity_poly.pdbx_strand_id   A,B
#
# COMPACT_ATOMS: atom_id res chain seq x y z
N THR A 24 -26.70 -19.76 -18.27
CA THR A 24 -27.40 -20.70 -17.35
C THR A 24 -26.71 -22.09 -17.36
N LYS A 25 -25.62 -22.25 -18.12
CA LYS A 25 -24.78 -23.47 -18.11
C LYS A 25 -23.72 -23.33 -17.02
N GLN A 26 -23.12 -24.46 -16.59
CA GLN A 26 -22.02 -24.53 -15.60
C GLN A 26 -20.78 -23.90 -16.22
N PRO A 27 -20.01 -23.08 -15.46
CA PRO A 27 -18.95 -22.29 -16.08
C PRO A 27 -17.88 -23.20 -16.70
N GLU A 28 -17.58 -24.37 -16.12
CA GLU A 28 -16.44 -25.22 -16.60
C GLU A 28 -16.86 -26.04 -17.83
N GLU A 29 -18.12 -26.00 -18.27
CA GLU A 29 -18.50 -26.59 -19.58
C GLU A 29 -18.46 -25.48 -20.65
N VAL A 30 -18.49 -24.21 -20.26
CA VAL A 30 -18.40 -23.04 -21.20
C VAL A 30 -16.92 -22.64 -21.39
N PHE A 31 -16.10 -22.78 -20.36
CA PHE A 31 -14.70 -22.28 -20.32
C PHE A 31 -13.76 -23.41 -19.90
N ASP A 32 -12.68 -23.56 -20.67
CA ASP A 32 -11.47 -24.33 -20.30
C ASP A 32 -10.50 -23.35 -19.63
N VAL A 33 -10.35 -23.43 -18.31
CA VAL A 33 -9.49 -22.50 -17.53
C VAL A 33 -8.03 -22.93 -17.72
N LEU A 34 -7.14 -22.03 -18.14
CA LEU A 34 -5.69 -22.30 -18.32
C LEU A 34 -4.93 -21.72 -17.13
N GLU A 35 -3.76 -21.11 -17.32
CA GLU A 35 -2.86 -20.67 -16.21
C GLU A 35 -3.45 -19.49 -15.43
N LYS A 36 -3.02 -19.34 -14.18
CA LYS A 36 -3.24 -18.13 -13.36
C LYS A 36 -2.46 -16.99 -14.04
N LEU A 37 -3.05 -15.80 -14.13
CA LEU A 37 -2.41 -14.57 -14.69
C LEU A 37 -2.02 -13.62 -13.55
N GLY A 38 -2.64 -13.77 -12.37
CA GLY A 38 -2.43 -12.85 -11.25
C GLY A 38 -2.96 -13.39 -9.94
N GLU A 39 -2.37 -12.93 -8.84
CA GLU A 39 -2.83 -13.09 -7.43
C GLU A 39 -2.63 -11.70 -6.79
N SER A 44 -7.47 -13.32 -7.56
CA SER A 44 -7.12 -14.52 -8.37
C SER A 44 -7.69 -14.41 -9.79
N VAL A 45 -6.83 -14.28 -10.80
CA VAL A 45 -7.22 -14.07 -12.23
C VAL A 45 -6.60 -15.17 -13.09
N TYR A 46 -7.39 -15.76 -13.99
CA TYR A 46 -6.97 -16.88 -14.86
C TYR A 46 -7.22 -16.53 -16.34
N LYS A 47 -6.34 -17.03 -17.20
CA LYS A 47 -6.58 -17.11 -18.66
C LYS A 47 -7.49 -18.30 -18.90
N ALA A 48 -8.43 -18.19 -19.85
CA ALA A 48 -9.35 -19.29 -20.19
C ALA A 48 -9.78 -19.18 -21.65
N ILE A 49 -10.29 -20.27 -22.18
CA ILE A 49 -10.85 -20.32 -23.56
C ILE A 49 -12.35 -20.53 -23.47
N HIS A 50 -13.09 -19.62 -24.09
CA HIS A 50 -14.54 -19.79 -24.36
C HIS A 50 -14.67 -20.90 -25.42
N LYS A 51 -15.10 -22.09 -24.99
CA LYS A 51 -15.01 -23.34 -25.78
C LYS A 51 -15.84 -23.26 -27.06
N GLU A 52 -16.83 -22.37 -27.16
CA GLU A 52 -17.77 -22.30 -28.32
C GLU A 52 -17.22 -21.45 -29.47
N THR A 53 -16.30 -20.54 -29.21
CA THR A 53 -15.71 -19.63 -30.23
C THR A 53 -14.18 -19.75 -30.29
N GLY A 54 -13.54 -20.31 -29.26
CA GLY A 54 -12.07 -20.37 -29.13
C GLY A 54 -11.47 -19.04 -28.72
N GLN A 55 -12.31 -18.08 -28.33
CA GLN A 55 -11.83 -16.74 -27.87
C GLN A 55 -11.20 -16.89 -26.49
N ILE A 56 -10.06 -16.23 -26.30
CA ILE A 56 -9.33 -16.20 -25.01
C ILE A 56 -9.99 -15.12 -24.16
N VAL A 57 -10.24 -15.41 -22.89
CA VAL A 57 -10.82 -14.45 -21.91
C VAL A 57 -9.98 -14.48 -20.64
N ALA A 58 -10.15 -13.46 -19.81
CA ALA A 58 -9.64 -13.38 -18.43
C ALA A 58 -10.84 -13.61 -17.49
N ILE A 59 -10.66 -14.47 -16.50
CA ILE A 59 -11.70 -14.79 -15.48
C ILE A 59 -11.13 -14.43 -14.11
N LYS A 60 -11.74 -13.47 -13.42
CA LYS A 60 -11.37 -13.12 -12.03
C LYS A 60 -12.29 -13.95 -11.12
N GLN A 61 -11.70 -14.71 -10.19
CA GLN A 61 -12.42 -15.56 -9.20
C GLN A 61 -12.29 -14.95 -7.81
N VAL A 62 -13.42 -14.58 -7.18
CA VAL A 62 -13.45 -14.07 -5.78
C VAL A 62 -14.40 -14.94 -4.96
N PRO A 63 -14.11 -15.21 -3.67
CA PRO A 63 -15.06 -15.95 -2.82
C PRO A 63 -16.33 -15.12 -2.68
N VAL A 64 -17.49 -15.78 -2.74
CA VAL A 64 -18.81 -15.13 -2.55
C VAL A 64 -18.88 -14.51 -1.14
N GLU A 65 -18.21 -15.14 -0.16
CA GLU A 65 -18.21 -14.66 1.24
C GLU A 65 -17.18 -13.53 1.46
N SER A 66 -16.50 -13.00 0.44
CA SER A 66 -15.52 -11.88 0.59
C SER A 66 -16.28 -10.54 0.52
N ASP A 67 -15.56 -9.42 0.70
CA ASP A 67 -16.07 -8.03 0.56
C ASP A 67 -16.16 -7.69 -0.95
N LEU A 68 -17.38 -7.46 -1.46
CA LEU A 68 -17.73 -7.40 -2.90
C LEU A 68 -17.98 -5.94 -3.33
N GLN A 69 -17.88 -4.97 -2.42
CA GLN A 69 -18.19 -3.54 -2.68
C GLN A 69 -17.57 -3.06 -4.00
N GLU A 70 -16.25 -3.19 -4.17
CA GLU A 70 -15.58 -2.62 -5.36
C GLU A 70 -15.79 -3.49 -6.59
N ILE A 71 -15.86 -4.81 -6.44
CA ILE A 71 -16.19 -5.72 -7.57
C ILE A 71 -17.57 -5.33 -8.13
N ILE A 72 -18.55 -5.09 -7.25
CA ILE A 72 -19.95 -4.77 -7.65
C ILE A 72 -19.92 -3.41 -8.37
N LYS A 73 -19.25 -2.41 -7.80
CA LYS A 73 -19.14 -1.06 -8.41
C LYS A 73 -18.48 -1.18 -9.78
N GLU A 74 -17.37 -1.91 -9.81
CA GLU A 74 -16.53 -2.10 -11.01
C GLU A 74 -17.38 -2.72 -12.13
N ILE A 75 -18.08 -3.82 -11.81
CA ILE A 75 -18.84 -4.56 -12.83
C ILE A 75 -19.98 -3.67 -13.34
N SER A 76 -20.66 -2.90 -12.48
CA SER A 76 -21.79 -2.04 -12.92
C SER A 76 -21.27 -0.98 -13.91
N ILE A 77 -20.06 -0.44 -13.69
CA ILE A 77 -19.50 0.59 -14.61
C ILE A 77 -19.13 -0.07 -15.93
N MET A 78 -18.40 -1.19 -15.91
CA MET A 78 -17.93 -1.88 -17.14
C MET A 78 -19.14 -2.34 -17.96
N GLN A 79 -20.22 -2.80 -17.30
CA GLN A 79 -21.42 -3.30 -18.03
C GLN A 79 -22.00 -2.17 -18.90
N GLN A 80 -21.90 -0.92 -18.45
CA GLN A 80 -22.51 0.25 -19.15
C GLN A 80 -21.60 0.75 -20.27
N CYS A 81 -20.38 0.23 -20.39
CA CYS A 81 -19.35 0.74 -21.35
C CYS A 81 -19.29 -0.20 -22.54
N ASP A 82 -19.19 0.37 -23.74
CA ASP A 82 -18.94 -0.36 -25.00
C ASP A 82 -17.94 0.47 -25.80
N SER A 83 -16.65 0.32 -25.49
CA SER A 83 -15.56 1.07 -26.16
C SER A 83 -14.39 0.13 -26.40
N PRO A 84 -13.74 0.23 -27.58
CA PRO A 84 -12.47 -0.44 -27.82
C PRO A 84 -11.34 -0.04 -26.86
N HIS A 85 -11.51 1.06 -26.10
CA HIS A 85 -10.46 1.62 -25.21
C HIS A 85 -10.79 1.32 -23.75
N VAL A 86 -11.80 0.48 -23.49
CA VAL A 86 -12.21 0.08 -22.10
C VAL A 86 -12.36 -1.46 -22.04
N VAL A 87 -11.71 -2.10 -21.08
CA VAL A 87 -11.79 -3.59 -20.89
C VAL A 87 -13.26 -3.98 -20.80
N LYS A 88 -13.69 -4.91 -21.65
CA LYS A 88 -15.09 -5.38 -21.71
C LYS A 88 -15.37 -6.37 -20.56
N TYR A 89 -16.60 -6.35 -20.06
CA TYR A 89 -17.17 -7.36 -19.12
C TYR A 89 -18.13 -8.24 -19.92
N TYR A 90 -18.02 -9.56 -19.81
CA TYR A 90 -18.81 -10.50 -20.64
C TYR A 90 -19.90 -11.15 -19.78
N GLY A 91 -19.77 -11.19 -18.46
CA GLY A 91 -20.77 -11.81 -17.58
C GLY A 91 -20.14 -12.47 -16.37
N SER A 92 -20.99 -13.00 -15.48
CA SER A 92 -20.59 -13.64 -14.20
C SER A 92 -21.23 -15.01 -14.07
N TYR A 93 -20.63 -15.85 -13.24
CA TYR A 93 -21.15 -17.20 -12.87
C TYR A 93 -20.83 -17.45 -11.39
N PHE A 94 -21.69 -18.19 -10.71
CA PHE A 94 -21.35 -18.92 -9.46
C PHE A 94 -20.72 -20.26 -9.84
N LYS A 95 -19.61 -20.60 -9.20
CA LYS A 95 -18.99 -21.94 -9.24
C LYS A 95 -18.57 -22.31 -7.82
N ASN A 96 -19.15 -23.36 -7.24
CA ASN A 96 -18.95 -23.75 -5.83
C ASN A 96 -19.35 -22.57 -4.95
N THR A 97 -18.40 -21.92 -4.27
CA THR A 97 -18.63 -20.76 -3.37
C THR A 97 -17.86 -19.54 -3.92
N ASP A 98 -17.51 -19.54 -5.20
CA ASP A 98 -16.82 -18.40 -5.87
C ASP A 98 -17.72 -17.73 -6.91
N LEU A 99 -17.48 -16.44 -7.12
CA LEU A 99 -17.97 -15.62 -8.24
C LEU A 99 -16.87 -15.58 -9.31
N TRP A 100 -17.21 -15.99 -10.53
CA TRP A 100 -16.35 -15.90 -11.72
C TRP A 100 -16.78 -14.67 -12.54
N ILE A 101 -15.88 -13.71 -12.72
CA ILE A 101 -16.10 -12.46 -13.49
C ILE A 101 -15.31 -12.57 -14.79
N VAL A 102 -16.01 -12.66 -15.92
CA VAL A 102 -15.42 -12.95 -17.24
C VAL A 102 -15.23 -11.63 -18.01
N MET A 103 -13.99 -11.40 -18.49
CA MET A 103 -13.57 -10.11 -19.07
C MET A 103 -12.69 -10.33 -20.30
N GLU A 104 -12.49 -9.25 -21.06
CA GLU A 104 -11.62 -9.19 -22.26
C GLU A 104 -10.19 -9.48 -21.82
N TYR A 105 -9.50 -10.39 -22.52
CA TYR A 105 -8.09 -10.78 -22.27
C TYR A 105 -7.14 -9.71 -22.84
N CYS A 106 -6.25 -9.19 -21.99
CA CYS A 106 -5.20 -8.21 -22.39
C CYS A 106 -3.83 -8.85 -22.07
N GLY A 107 -3.28 -9.58 -23.04
CA GLY A 107 -2.21 -10.57 -22.83
C GLY A 107 -0.87 -9.96 -22.45
N ALA A 108 -0.62 -8.68 -22.75
CA ALA A 108 0.67 -8.03 -22.38
C ALA A 108 0.62 -7.54 -20.92
N GLY A 109 -0.51 -7.63 -20.23
CA GLY A 109 -0.69 -7.10 -18.86
C GLY A 109 -0.64 -5.57 -18.86
N SER A 110 -0.27 -4.96 -17.74
CA SER A 110 -0.36 -3.50 -17.54
C SER A 110 0.89 -2.81 -18.11
N VAL A 111 0.80 -1.50 -18.29
CA VAL A 111 1.97 -0.71 -18.71
C VAL A 111 3.04 -0.82 -17.62
N SER A 112 2.68 -0.82 -16.34
CA SER A 112 3.71 -0.89 -15.26
C SER A 112 4.32 -2.29 -15.20
N ASP A 113 3.57 -3.36 -15.52
CA ASP A 113 4.14 -4.71 -15.75
C ASP A 113 5.19 -4.67 -16.86
N ILE A 114 4.88 -4.06 -18.00
CA ILE A 114 5.83 -4.00 -19.16
C ILE A 114 7.09 -3.21 -18.81
N ILE A 115 6.98 -2.09 -18.09
CA ILE A 115 8.14 -1.30 -17.62
C ILE A 115 9.02 -2.19 -16.71
N ARG A 116 8.42 -2.85 -15.72
CA ARG A 116 9.16 -3.72 -14.75
C ARG A 116 9.80 -4.91 -15.48
N LEU A 117 9.07 -5.60 -16.37
CA LEU A 117 9.56 -6.84 -17.04
C LEU A 117 10.76 -6.54 -17.92
N ARG A 118 10.72 -5.45 -18.71
CA ARG A 118 11.84 -5.09 -19.64
C ARG A 118 12.93 -4.35 -18.86
N ASN A 119 12.63 -3.92 -17.63
CA ASN A 119 13.51 -3.05 -16.81
C ASN A 119 13.89 -1.80 -17.63
N LYS A 120 12.90 -1.17 -18.27
CA LYS A 120 13.07 0.02 -19.13
C LYS A 120 11.82 0.92 -19.06
N THR A 121 12.02 2.22 -18.90
CA THR A 121 10.97 3.26 -19.11
C THR A 121 10.65 3.31 -20.61
N LEU A 122 9.50 3.89 -20.98
CA LEU A 122 9.00 3.89 -22.37
C LEU A 122 9.56 5.12 -23.07
N THR A 123 9.82 5.02 -24.38
CA THR A 123 10.21 6.18 -25.22
C THR A 123 9.00 7.13 -25.39
N GLU A 124 9.26 8.36 -25.81
CA GLU A 124 8.24 9.37 -26.15
C GLU A 124 7.25 8.79 -27.16
N ASP A 125 7.73 8.11 -28.19
CA ASP A 125 6.86 7.57 -29.26
C ASP A 125 5.93 6.50 -28.67
N GLU A 126 6.47 5.60 -27.84
CA GLU A 126 5.67 4.54 -27.17
C GLU A 126 4.62 5.23 -26.29
N ILE A 127 5.03 6.24 -25.52
CA ILE A 127 4.14 6.97 -24.59
C ILE A 127 3.05 7.68 -25.41
N ALA A 128 3.38 8.34 -26.52
CA ALA A 128 2.42 9.07 -27.37
C ALA A 128 1.32 8.11 -27.86
N THR A 129 1.71 6.94 -28.34
CA THR A 129 0.78 5.90 -28.88
C THR A 129 -0.12 5.37 -27.73
N ILE A 130 0.43 5.07 -26.56
CA ILE A 130 -0.39 4.53 -25.44
C ILE A 130 -1.36 5.61 -24.94
N LEU A 131 -0.87 6.84 -24.80
CA LEU A 131 -1.71 7.92 -24.24
C LEU A 131 -2.78 8.35 -25.27
N GLN A 132 -2.54 8.20 -26.57
CA GLN A 132 -3.61 8.51 -27.56
C GLN A 132 -4.81 7.57 -27.30
N SER A 133 -4.59 6.28 -27.13
CA SER A 133 -5.69 5.31 -26.87
C SER A 133 -6.29 5.55 -25.50
N THR A 134 -5.47 5.85 -24.50
CA THR A 134 -5.96 6.19 -23.14
C THR A 134 -6.92 7.39 -23.24
N LEU A 135 -6.52 8.44 -23.96
CA LEU A 135 -7.32 9.68 -24.11
C LEU A 135 -8.65 9.34 -24.82
N LYS A 136 -8.65 8.45 -25.80
CA LYS A 136 -9.95 8.08 -26.45
C LYS A 136 -10.83 7.37 -25.43
N GLY A 137 -10.26 6.51 -24.58
CA GLY A 137 -11.00 5.89 -23.45
C GLY A 137 -11.54 6.96 -22.51
N LEU A 138 -10.72 7.94 -22.11
CA LEU A 138 -11.17 9.06 -21.27
C LEU A 138 -12.28 9.87 -21.98
N GLU A 139 -12.10 10.18 -23.26
CA GLU A 139 -13.12 10.98 -24.01
C GLU A 139 -14.48 10.27 -23.90
N TYR A 140 -14.48 8.97 -24.17
CA TYR A 140 -15.70 8.12 -24.10
C TYR A 140 -16.29 8.15 -22.68
N LEU A 141 -15.50 7.85 -21.63
CA LEU A 141 -16.00 7.83 -20.22
C LEU A 141 -16.61 9.20 -19.88
N HIS A 142 -15.90 10.27 -20.25
CA HIS A 142 -16.28 11.65 -19.88
C HIS A 142 -17.60 12.00 -20.58
N PHE A 143 -17.76 11.60 -21.84
CA PHE A 143 -19.05 11.83 -22.56
C PHE A 143 -20.18 11.15 -21.75
N MET A 144 -19.93 9.97 -21.19
CA MET A 144 -20.92 9.16 -20.41
C MET A 144 -20.97 9.66 -18.93
N ARG A 145 -20.27 10.74 -18.60
CA ARG A 145 -20.36 11.43 -17.30
C ARG A 145 -19.75 10.53 -16.21
N LYS A 146 -18.79 9.69 -16.61
CA LYS A 146 -17.99 8.85 -15.68
C LYS A 146 -16.60 9.47 -15.46
N ILE A 147 -16.14 9.39 -14.22
CA ILE A 147 -14.75 9.76 -13.78
C ILE A 147 -14.08 8.46 -13.37
N HIS A 148 -13.00 8.05 -14.01
CA HIS A 148 -12.26 6.82 -13.65
C HIS A 148 -11.73 6.91 -12.22
N ARG A 149 -11.00 7.99 -11.92
CA ARG A 149 -10.46 8.41 -10.58
C ARG A 149 -9.21 7.63 -10.14
N ASP A 150 -8.81 6.60 -10.89
CA ASP A 150 -7.58 5.80 -10.58
C ASP A 150 -6.74 5.60 -11.83
N ILE A 151 -6.58 6.64 -12.65
CA ILE A 151 -5.72 6.53 -13.87
C ILE A 151 -4.26 6.45 -13.38
N LYS A 152 -3.51 5.47 -13.89
CA LYS A 152 -2.11 5.14 -13.52
C LYS A 152 -1.64 4.04 -14.47
N ALA A 153 -0.33 3.85 -14.63
CA ALA A 153 0.24 2.87 -15.59
C ALA A 153 -0.28 1.48 -15.23
N GLY A 154 -0.47 1.20 -13.94
CA GLY A 154 -0.99 -0.11 -13.47
C GLY A 154 -2.38 -0.43 -13.98
N ASN A 155 -3.18 0.58 -14.33
CA ASN A 155 -4.61 0.43 -14.69
C ASN A 155 -4.85 0.62 -16.20
N ILE A 156 -3.79 0.65 -17.01
CA ILE A 156 -3.84 0.66 -18.49
C ILE A 156 -3.28 -0.70 -18.95
N LEU A 157 -4.12 -1.56 -19.53
CA LEU A 157 -3.72 -2.90 -20.00
C LEU A 157 -3.49 -2.85 -21.51
N LEU A 158 -2.56 -3.65 -22.01
CA LEU A 158 -2.33 -3.81 -23.46
C LEU A 158 -2.71 -5.24 -23.86
N ASN A 159 -3.46 -5.39 -24.95
CA ASN A 159 -3.62 -6.71 -25.60
C ASN A 159 -2.36 -6.96 -26.44
N THR A 160 -2.21 -8.19 -26.90
CA THR A 160 -0.98 -8.69 -27.57
C THR A 160 -0.79 -7.93 -28.90
N GLU A 161 -1.84 -7.36 -29.48
CA GLU A 161 -1.72 -6.53 -30.72
C GLU A 161 -1.35 -5.09 -30.37
N GLY A 162 -1.22 -4.72 -29.10
CA GLY A 162 -0.73 -3.38 -28.68
C GLY A 162 -1.83 -2.34 -28.45
N HIS A 163 -3.09 -2.73 -28.34
CA HIS A 163 -4.23 -1.79 -28.07
C HIS A 163 -4.41 -1.62 -26.57
N ALA A 164 -4.35 -0.36 -26.11
CA ALA A 164 -4.41 0.00 -24.68
C ALA A 164 -5.87 0.06 -24.25
N LYS A 165 -6.18 -0.45 -23.05
CA LYS A 165 -7.54 -0.44 -22.47
C LYS A 165 -7.50 -0.04 -20.98
N LEU A 166 -8.41 0.85 -20.58
CA LEU A 166 -8.64 1.25 -19.18
C LEU A 166 -9.27 0.10 -18.40
N ALA A 167 -8.72 -0.17 -17.23
CA ALA A 167 -9.14 -1.24 -16.29
C ALA A 167 -9.24 -0.63 -14.89
N ASP A 168 -9.83 -1.40 -13.97
CA ASP A 168 -9.99 -1.09 -12.53
C ASP A 168 -10.90 0.13 -12.36
N PHE A 169 -12.20 -0.11 -12.44
CA PHE A 169 -13.30 0.86 -12.18
C PHE A 169 -13.75 0.77 -10.73
N GLY A 170 -12.91 0.25 -9.82
CA GLY A 170 -13.28 0.05 -8.41
C GLY A 170 -13.60 1.35 -7.67
N VAL A 171 -13.10 2.51 -8.13
CA VAL A 171 -13.39 3.81 -7.44
C VAL A 171 -13.98 4.84 -8.42
N ALA A 172 -14.48 4.40 -9.58
CA ALA A 172 -15.05 5.31 -10.61
C ALA A 172 -16.29 6.01 -10.04
N GLY A 173 -16.50 7.27 -10.45
CA GLY A 173 -17.69 8.08 -10.10
C GLY A 173 -18.61 8.30 -11.28
N GLN A 174 -19.84 8.70 -11.01
CA GLN A 174 -20.91 8.93 -12.03
C GLN A 174 -21.51 10.30 -11.74
N LEU A 175 -21.38 11.25 -12.65
CA LEU A 175 -22.12 12.53 -12.56
C LEU A 175 -23.54 12.27 -13.04
N THR A 176 -24.53 13.01 -12.51
CA THR A 176 -25.96 12.90 -12.88
C THR A 176 -26.53 14.30 -12.98
N ASP A 177 -27.78 14.42 -13.42
CA ASP A 177 -28.47 15.72 -13.61
C ASP A 177 -28.48 16.52 -12.32
N MET A 179 -26.39 15.71 -9.69
CA MET A 179 -25.07 15.65 -9.07
C MET A 179 -23.99 15.91 -10.13
N ALA A 180 -23.73 17.18 -10.42
CA ALA A 180 -22.83 17.65 -11.49
C ALA A 180 -21.36 17.56 -11.02
N LYS A 181 -21.15 17.34 -9.72
CA LYS A 181 -19.81 17.16 -9.10
C LYS A 181 -19.79 15.97 -8.15
N ARG A 182 -18.66 15.29 -8.07
CA ARG A 182 -18.35 14.34 -6.97
C ARG A 182 -17.52 15.09 -5.93
N ASN A 183 -17.45 14.61 -4.69
CA ASN A 183 -16.47 15.22 -3.75
C ASN A 183 -15.79 14.18 -2.84
N VAL A 185 -12.92 12.11 -1.63
CA VAL A 185 -11.48 12.12 -1.73
C VAL A 185 -11.04 10.68 -2.00
N ILE A 186 -10.83 10.30 -3.26
CA ILE A 186 -10.61 8.88 -3.62
C ILE A 186 -9.74 8.80 -4.87
N GLY A 187 -9.06 7.68 -5.05
CA GLY A 187 -7.96 7.53 -6.01
C GLY A 187 -6.76 6.90 -5.34
N THR A 188 -5.59 6.99 -5.98
CA THR A 188 -4.29 6.56 -5.38
C THR A 188 -3.46 7.83 -5.20
N PRO A 189 -3.05 8.16 -3.95
CA PRO A 189 -2.48 9.47 -3.62
C PRO A 189 -1.55 10.15 -4.63
N PHE A 190 -0.50 9.49 -5.16
CA PHE A 190 0.51 10.17 -6.02
C PHE A 190 -0.17 10.68 -7.30
N TRP A 191 -1.30 10.08 -7.71
CA TRP A 191 -1.96 10.36 -9.01
C TRP A 191 -3.18 11.29 -8.85
N MET A 192 -3.53 11.66 -7.61
CA MET A 192 -4.79 12.37 -7.33
C MET A 192 -4.65 13.87 -7.65
N ALA A 193 -5.68 14.44 -8.30
CA ALA A 193 -5.80 15.88 -8.64
C ALA A 193 -5.93 16.69 -7.37
N PRO A 194 -5.39 17.93 -7.35
CA PRO A 194 -5.54 18.80 -6.20
C PRO A 194 -7.00 18.99 -5.77
N GLU A 195 -7.93 19.17 -6.70
CA GLU A 195 -9.36 19.45 -6.36
C GLU A 195 -10.03 18.19 -5.77
N VAL A 196 -9.48 17.00 -6.02
CA VAL A 196 -10.01 15.72 -5.45
C VAL A 196 -9.56 15.63 -3.99
N ILE A 197 -8.30 15.98 -3.73
CA ILE A 197 -7.73 15.99 -2.35
C ILE A 197 -8.45 17.05 -1.51
N GLN A 198 -8.63 18.27 -2.04
CA GLN A 198 -9.32 19.37 -1.34
C GLN A 198 -10.81 19.04 -1.27
N GLU A 199 -11.49 19.69 -0.32
CA GLU A 199 -12.90 19.42 0.08
C GLU A 199 -13.83 19.69 -1.10
N ILE A 200 -13.51 20.69 -1.92
CA ILE A 200 -14.34 21.15 -3.07
C ILE A 200 -14.65 19.96 -3.99
N GLY A 201 -15.84 20.01 -4.57
CA GLY A 201 -16.27 19.09 -5.62
C GLY A 201 -15.45 19.20 -6.89
N TYR A 202 -15.53 18.19 -7.74
CA TYR A 202 -14.72 18.09 -8.98
C TYR A 202 -15.51 17.31 -10.02
N ASN A 203 -14.95 17.18 -11.23
CA ASN A 203 -15.66 16.57 -12.37
C ASN A 203 -14.65 15.75 -13.17
N CYS A 204 -14.95 15.47 -14.45
CA CYS A 204 -14.21 14.50 -15.29
C CYS A 204 -12.74 14.89 -15.42
N VAL A 205 -12.38 16.17 -15.38
CA VAL A 205 -10.98 16.61 -15.71
C VAL A 205 -10.02 16.26 -14.57
N ALA A 206 -10.49 15.75 -13.44
CA ALA A 206 -9.62 15.14 -12.41
C ALA A 206 -8.80 14.05 -13.08
N ASP A 207 -9.38 13.31 -14.04
CA ASP A 207 -8.68 12.19 -14.73
C ASP A 207 -7.54 12.75 -15.58
N ILE A 208 -7.65 13.99 -16.08
CA ILE A 208 -6.62 14.57 -16.96
C ILE A 208 -5.37 14.88 -16.12
N TRP A 209 -5.54 15.31 -14.88
CA TRP A 209 -4.39 15.47 -13.94
C TRP A 209 -3.73 14.10 -13.76
N SER A 210 -4.51 13.08 -13.40
CA SER A 210 -3.99 11.70 -13.21
C SER A 210 -3.24 11.23 -14.48
N LEU A 211 -3.76 11.54 -15.66
CA LEU A 211 -3.10 11.23 -16.97
C LEU A 211 -1.70 11.88 -17.03
N GLY A 212 -1.58 13.14 -16.63
CA GLY A 212 -0.28 13.82 -16.64
C GLY A 212 0.72 13.13 -15.72
N ILE A 213 0.29 12.79 -14.51
CA ILE A 213 1.16 12.03 -13.57
C ILE A 213 1.55 10.71 -14.24
N THR A 214 0.60 10.04 -14.91
CA THR A 214 0.84 8.73 -15.59
C THR A 214 1.89 8.91 -16.70
N ALA A 215 1.87 10.03 -17.42
CA ALA A 215 2.86 10.32 -18.49
C ALA A 215 4.27 10.38 -17.87
N ILE A 216 4.42 11.07 -16.74
CA ILE A 216 5.72 11.13 -16.02
C ILE A 216 6.09 9.72 -15.55
N GLU A 217 5.15 8.99 -14.95
CA GLU A 217 5.35 7.60 -14.46
C GLU A 217 5.93 6.72 -15.60
N MET A 218 5.39 6.81 -16.81
CA MET A 218 5.79 5.96 -17.95
C MET A 218 7.18 6.37 -18.44
N ALA A 219 7.52 7.65 -18.33
CA ALA A 219 8.80 8.22 -18.81
C ALA A 219 9.90 7.98 -17.76
N GLU A 220 9.58 8.01 -16.46
CA GLU A 220 10.57 7.95 -15.35
C GLU A 220 10.47 6.64 -14.56
N GLY A 221 9.38 5.88 -14.68
CA GLY A 221 9.25 4.57 -14.00
C GLY A 221 8.47 4.69 -12.71
N LYS A 222 8.27 5.91 -12.21
CA LYS A 222 7.54 6.16 -10.96
C LYS A 222 7.02 7.59 -11.03
N PRO A 223 5.91 7.90 -10.32
CA PRO A 223 5.36 9.25 -10.31
C PRO A 223 6.24 10.15 -9.47
N PRO A 224 6.06 11.48 -9.59
CA PRO A 224 6.67 12.42 -8.64
C PRO A 224 6.21 12.07 -7.22
N TYR A 225 7.13 12.20 -6.25
CA TYR A 225 6.94 11.93 -4.80
C TYR A 225 6.88 10.44 -4.49
N ALA A 226 7.29 9.57 -5.40
CA ALA A 226 7.15 8.10 -5.25
C ALA A 226 7.91 7.63 -4.00
N ASP A 227 8.90 8.39 -3.55
CA ASP A 227 9.76 7.99 -2.41
C ASP A 227 9.32 8.69 -1.12
N ILE A 228 8.25 9.45 -1.12
CA ILE A 228 7.68 10.11 0.08
C ILE A 228 6.48 9.29 0.58
N HIS A 229 6.20 9.34 1.88
CA HIS A 229 5.03 8.65 2.48
C HIS A 229 3.76 9.15 1.77
N PRO A 230 2.91 8.25 1.26
CA PRO A 230 1.72 8.67 0.52
C PRO A 230 0.85 9.71 1.24
N MET A 231 0.64 9.53 2.55
CA MET A 231 -0.21 10.45 3.34
C MET A 231 0.50 11.80 3.52
N ARG A 232 1.83 11.86 3.48
CA ARG A 232 2.53 13.16 3.37
C ARG A 232 2.35 13.76 1.96
N ALA A 233 2.44 12.95 0.92
CA ALA A 233 2.37 13.44 -0.48
C ALA A 233 1.00 14.07 -0.72
N ILE A 234 -0.06 13.44 -0.22
CA ILE A 234 -1.45 13.95 -0.37
C ILE A 234 -1.57 15.35 0.24
N PHE A 235 -0.86 15.63 1.34
CA PHE A 235 -0.88 16.94 2.04
C PHE A 235 -0.25 18.00 1.13
N MET A 236 0.79 17.67 0.37
CA MET A 236 1.60 18.67 -0.40
C MET A 236 1.02 18.94 -1.80
N ILE A 237 0.38 17.95 -2.42
CA ILE A 237 -0.10 18.05 -3.85
C ILE A 237 -0.93 19.32 -4.04
N PRO A 238 -1.92 19.67 -3.17
CA PRO A 238 -2.69 20.89 -3.38
C PRO A 238 -1.91 22.21 -3.27
N THR A 239 -0.84 22.27 -2.47
CA THR A 239 -0.05 23.52 -2.23
C THR A 239 1.14 23.62 -3.19
N ASN A 240 1.70 22.51 -3.67
CA ASN A 240 2.92 22.50 -4.50
C ASN A 240 2.65 22.92 -5.95
N PRO A 241 3.67 23.48 -6.62
CA PRO A 241 3.55 23.81 -8.03
C PRO A 241 3.26 22.50 -8.77
N PRO A 242 2.72 22.57 -10.00
CA PRO A 242 2.57 21.37 -10.82
C PRO A 242 3.93 20.67 -10.92
N PRO A 243 4.02 19.33 -10.82
CA PRO A 243 5.29 18.65 -11.07
C PRO A 243 5.76 18.74 -12.53
N THR A 244 7.05 18.50 -12.73
CA THR A 244 7.75 18.51 -14.02
C THR A 244 8.68 17.30 -14.07
N PHE A 245 9.30 17.06 -15.22
CA PHE A 245 10.23 15.91 -15.41
C PHE A 245 11.42 16.12 -14.45
N ARG A 246 11.98 15.04 -13.92
CA ARG A 246 13.19 15.03 -13.05
C ARG A 246 14.40 15.53 -13.87
N LYS A 247 14.48 15.18 -15.17
CA LYS A 247 15.63 15.53 -16.06
C LYS A 247 15.15 16.16 -17.39
N PRO A 248 14.69 17.43 -17.32
CA PRO A 248 13.90 18.05 -18.39
C PRO A 248 14.60 18.00 -19.76
N GLU A 249 15.94 17.97 -19.72
CA GLU A 249 16.77 17.96 -20.94
C GLU A 249 16.55 16.68 -21.77
N LEU A 250 15.99 15.59 -21.22
CA LEU A 250 15.76 14.32 -21.96
C LEU A 250 14.54 14.42 -22.92
N TRP A 251 13.68 15.44 -22.78
CA TRP A 251 12.29 15.36 -23.31
C TRP A 251 12.01 16.51 -24.28
N SER A 252 11.24 16.23 -25.34
CA SER A 252 10.90 17.20 -26.43
C SER A 252 10.06 18.34 -25.84
N ASP A 253 10.01 19.48 -26.54
CA ASP A 253 9.12 20.62 -26.22
C ASP A 253 7.66 20.14 -26.22
N ASN A 254 7.27 19.28 -27.17
CA ASN A 254 5.90 18.75 -27.28
C ASN A 254 5.55 17.91 -26.05
N PHE A 255 6.42 16.99 -25.64
CA PHE A 255 6.14 16.12 -24.47
C PHE A 255 6.08 16.98 -23.22
N THR A 256 7.05 17.90 -23.05
CA THR A 256 7.10 18.86 -21.90
C THR A 256 5.78 19.64 -21.84
N ASP A 257 5.34 20.19 -22.97
CA ASP A 257 4.11 21.03 -23.02
C ASP A 257 2.89 20.13 -22.74
N PHE A 258 2.88 18.88 -23.22
CA PHE A 258 1.72 17.98 -23.04
C PHE A 258 1.51 17.78 -21.54
N VAL A 259 2.57 17.44 -20.82
CA VAL A 259 2.53 17.22 -19.33
C VAL A 259 2.10 18.52 -18.63
N LYS A 260 2.68 19.67 -18.99
CA LYS A 260 2.26 20.96 -18.42
C LYS A 260 0.74 21.18 -18.59
N GLN A 261 0.16 20.89 -19.75
CA GLN A 261 -1.30 21.10 -20.00
C GLN A 261 -2.11 20.14 -19.09
N CYS A 262 -1.70 18.88 -18.99
CA CYS A 262 -2.39 17.89 -18.11
C CYS A 262 -2.38 18.39 -16.66
N LEU A 263 -1.27 18.98 -16.22
CA LEU A 263 -1.04 19.30 -14.79
C LEU A 263 -1.26 20.79 -14.55
N VAL A 264 -2.29 21.37 -15.17
CA VAL A 264 -2.81 22.72 -14.83
C VAL A 264 -3.61 22.55 -13.53
N LYS A 265 -3.32 23.33 -12.49
CA LYS A 265 -3.92 23.12 -11.15
C LYS A 265 -5.40 23.51 -11.18
N SER A 266 -5.75 24.60 -11.88
CA SER A 266 -7.16 25.04 -11.99
C SER A 266 -7.98 24.05 -12.81
N PRO A 267 -8.94 23.31 -12.23
CA PRO A 267 -9.73 22.34 -13.00
C PRO A 267 -10.58 23.00 -14.11
N GLU A 268 -11.06 24.22 -13.86
CA GLU A 268 -11.90 25.01 -14.80
C GLU A 268 -11.06 25.32 -16.05
N GLN A 269 -9.75 25.52 -15.91
CA GLN A 269 -8.86 25.91 -17.04
C GLN A 269 -8.30 24.65 -17.71
N ARG A 270 -8.31 23.50 -17.04
CA ARG A 270 -7.58 22.29 -17.53
C ARG A 270 -8.20 21.82 -18.85
N ALA A 271 -7.34 21.43 -19.80
CA ALA A 271 -7.69 20.83 -21.10
C ALA A 271 -8.57 19.59 -20.89
N THR A 272 -9.49 19.35 -21.82
CA THR A 272 -10.34 18.13 -21.88
C THR A 272 -9.59 17.01 -22.61
N ALA A 273 -10.10 15.77 -22.52
CA ALA A 273 -9.62 14.63 -23.33
C ALA A 273 -9.66 14.97 -24.84
N THR A 274 -10.78 15.53 -25.32
CA THR A 274 -10.99 15.89 -26.75
C THR A 274 -9.90 16.87 -27.21
N GLN A 275 -9.66 17.91 -26.44
CA GLN A 275 -8.65 18.96 -26.75
C GLN A 275 -7.25 18.35 -26.76
N LEU A 276 -6.93 17.46 -25.81
CA LEU A 276 -5.56 16.85 -25.70
C LEU A 276 -5.31 15.84 -26.82
N LEU A 277 -6.36 15.26 -27.42
CA LEU A 277 -6.22 14.41 -28.63
C LEU A 277 -5.66 15.23 -29.81
N GLN A 278 -5.79 16.55 -29.80
CA GLN A 278 -5.26 17.46 -30.86
C GLN A 278 -3.90 18.04 -30.45
N HIS A 279 -3.40 17.77 -29.23
CA HIS A 279 -2.08 18.28 -28.80
C HIS A 279 -1.01 17.66 -29.71
N PRO A 280 -0.02 18.44 -30.21
CA PRO A 280 0.98 17.89 -31.11
C PRO A 280 1.68 16.62 -30.60
N PHE A 281 1.90 16.46 -29.28
CA PHE A 281 2.52 15.23 -28.72
C PHE A 281 1.68 13.99 -29.09
N VAL A 282 0.36 14.10 -29.04
CA VAL A 282 -0.58 12.96 -29.18
C VAL A 282 -1.01 12.84 -30.65
N ARG A 283 -1.32 13.94 -31.32
CA ARG A 283 -2.04 13.95 -32.62
C ARG A 283 -1.24 13.20 -33.68
N SER A 284 0.08 13.20 -33.55
CA SER A 284 1.04 12.61 -34.51
C SER A 284 1.56 11.25 -34.03
N ALA A 285 0.97 10.64 -33.00
CA ALA A 285 1.44 9.34 -32.46
C ALA A 285 1.49 8.30 -33.59
N LYS A 286 2.47 7.42 -33.56
CA LYS A 286 2.57 6.26 -34.48
C LYS A 286 1.46 5.25 -34.17
N GLY A 287 1.16 4.37 -35.12
CA GLY A 287 0.23 3.23 -34.89
C GLY A 287 0.79 2.24 -33.87
N VAL A 288 -0.01 1.24 -33.50
CA VAL A 288 0.31 0.24 -32.45
C VAL A 288 1.51 -0.63 -32.83
N SER A 289 1.94 -0.64 -34.09
CA SER A 289 3.16 -1.37 -34.53
C SER A 289 4.39 -0.92 -33.71
N ILE A 290 4.49 0.35 -33.30
CA ILE A 290 5.67 0.83 -32.51
C ILE A 290 5.69 0.14 -31.13
N LEU A 291 4.60 -0.51 -30.71
CA LEU A 291 4.51 -1.24 -29.42
C LEU A 291 4.84 -2.73 -29.63
N ARG A 292 5.23 -3.16 -30.84
CA ARG A 292 5.33 -4.61 -31.20
C ARG A 292 6.63 -5.14 -30.59
N ASP A 293 7.74 -4.43 -30.82
CA ASP A 293 9.05 -4.69 -30.16
C ASP A 293 8.81 -4.84 -28.66
N LEU A 294 8.20 -3.79 -28.08
CA LEU A 294 7.98 -3.60 -26.63
C LEU A 294 7.22 -4.81 -26.09
N ILE A 295 6.11 -5.17 -26.74
CA ILE A 295 5.23 -6.26 -26.26
C ILE A 295 5.96 -7.61 -26.40
N ASN A 296 6.65 -7.84 -27.52
CA ASN A 296 7.39 -9.11 -27.78
C ASN A 296 8.42 -9.33 -26.67
N GLU A 297 9.28 -8.33 -26.43
CA GLU A 297 10.32 -8.38 -25.36
C GLU A 297 9.66 -8.64 -24.00
N ALA A 298 8.56 -7.96 -23.67
CA ALA A 298 7.85 -8.09 -22.38
C ALA A 298 7.31 -9.52 -22.18
N MET A 299 6.75 -10.13 -23.23
CA MET A 299 6.17 -11.50 -23.25
C MET A 299 7.20 -12.47 -23.86
N LEU B 15 25.29 -5.80 25.11
CA LEU B 15 23.98 -5.55 25.78
C LEU B 15 23.59 -4.08 25.53
N LYS B 16 24.37 -3.14 26.04
CA LYS B 16 24.02 -1.70 26.09
C LYS B 16 24.65 -0.95 24.90
N LYS B 17 24.02 0.17 24.53
CA LYS B 17 24.53 1.24 23.63
C LYS B 17 26.07 1.19 23.51
N LEU B 18 26.58 1.47 22.31
CA LEU B 18 28.03 1.54 22.03
C LEU B 18 28.60 2.84 22.64
N ASP B 19 29.74 2.75 23.31
CA ASP B 19 30.44 3.91 23.91
C ASP B 19 31.33 4.57 22.86
N GLU B 20 31.83 5.78 23.13
CA GLU B 20 32.63 6.58 22.16
C GLU B 20 33.81 5.75 21.67
N ASP B 21 34.45 4.94 22.54
CA ASP B 21 35.60 4.07 22.18
C ASP B 21 35.19 3.17 21.00
N SER B 22 33.96 2.66 21.01
CA SER B 22 33.35 1.82 19.94
C SER B 22 32.96 2.70 18.73
N LEU B 23 32.23 3.81 18.98
CA LEU B 23 31.56 4.61 17.91
C LEU B 23 32.59 5.33 17.01
N THR B 24 33.81 5.56 17.52
CA THR B 24 34.91 6.28 16.81
C THR B 24 35.89 5.31 16.12
N LYS B 25 35.64 4.00 16.16
CA LYS B 25 36.36 3.00 15.32
C LYS B 25 35.61 2.84 13.99
N GLN B 26 36.22 2.14 13.03
CA GLN B 26 35.59 1.61 11.77
C GLN B 26 34.63 0.50 12.18
N PRO B 27 33.43 0.38 11.56
CA PRO B 27 32.44 -0.61 12.00
C PRO B 27 33.01 -2.03 11.98
N GLU B 28 33.88 -2.35 10.99
CA GLU B 28 34.34 -3.74 10.74
C GLU B 28 35.46 -4.15 11.72
N GLU B 29 35.90 -3.26 12.61
CA GLU B 29 36.76 -3.57 13.78
C GLU B 29 35.92 -4.03 14.98
N VAL B 30 34.64 -3.65 15.01
CA VAL B 30 33.69 -4.02 16.11
C VAL B 30 32.84 -5.23 15.65
N PHE B 31 32.51 -5.34 14.36
CA PHE B 31 31.48 -6.29 13.83
C PHE B 31 32.03 -7.10 12.65
N ASP B 32 31.69 -8.38 12.58
CA ASP B 32 31.71 -9.20 11.34
C ASP B 32 30.31 -9.30 10.76
N VAL B 33 30.09 -8.76 9.56
CA VAL B 33 28.80 -8.80 8.82
C VAL B 33 28.56 -10.21 8.26
N LEU B 34 27.39 -10.81 8.53
CA LEU B 34 26.98 -12.14 8.01
C LEU B 34 25.96 -11.93 6.87
N GLU B 35 24.92 -12.76 6.76
CA GLU B 35 23.99 -12.78 5.57
C GLU B 35 23.05 -11.56 5.55
N LYS B 36 22.55 -11.21 4.37
CA LYS B 36 21.50 -10.19 4.17
C LYS B 36 20.21 -10.73 4.79
N LEU B 37 19.44 -9.90 5.50
CA LEU B 37 18.14 -10.26 6.14
C LEU B 37 16.99 -9.60 5.40
N GLY B 38 17.25 -8.57 4.61
CA GLY B 38 16.22 -7.76 3.93
C GLY B 38 16.81 -6.89 2.83
N GLU B 39 16.01 -6.67 1.78
CA GLU B 39 16.26 -5.70 0.68
C GLU B 39 14.94 -5.02 0.34
N GLY B 40 14.91 -4.22 -0.73
CA GLY B 40 13.72 -3.47 -1.16
C GLY B 40 13.41 -2.33 -0.20
N SER B 41 12.23 -2.35 0.43
CA SER B 41 11.67 -1.23 1.24
C SER B 41 11.36 -1.68 2.67
N GLY B 43 14.41 -2.07 3.28
CA GLY B 43 15.73 -1.53 2.92
C GLY B 43 16.82 -2.58 2.99
N SER B 44 18.09 -2.18 3.07
CA SER B 44 19.30 -3.06 3.02
C SER B 44 19.79 -3.41 4.45
N VAL B 45 19.50 -4.63 4.90
CA VAL B 45 19.64 -5.06 6.32
C VAL B 45 20.43 -6.36 6.36
N TYR B 46 21.42 -6.44 7.25
CA TYR B 46 22.31 -7.63 7.42
C TYR B 46 22.30 -8.08 8.88
N LYS B 47 22.49 -9.39 9.07
CA LYS B 47 22.86 -9.97 10.38
C LYS B 47 24.35 -9.73 10.56
N ALA B 48 24.80 -9.48 11.79
CA ALA B 48 26.24 -9.35 12.10
C ALA B 48 26.50 -9.83 13.52
N ILE B 49 27.76 -10.10 13.83
CA ILE B 49 28.19 -10.51 15.19
C ILE B 49 29.14 -9.45 15.73
N HIS B 50 28.81 -8.92 16.89
CA HIS B 50 29.68 -8.05 17.72
C HIS B 50 30.85 -8.90 18.21
N LYS B 51 32.04 -8.71 17.62
CA LYS B 51 33.23 -9.56 17.81
C LYS B 51 33.58 -9.80 19.29
N GLU B 52 33.38 -8.82 20.17
CA GLU B 52 33.95 -8.82 21.55
C GLU B 52 33.02 -9.51 22.55
N THR B 53 31.73 -9.61 22.25
CA THR B 53 30.74 -10.27 23.16
C THR B 53 30.07 -11.46 22.48
N GLY B 54 30.18 -11.59 21.16
CA GLY B 54 29.47 -12.61 20.38
C GLY B 54 28.02 -12.28 20.20
N GLN B 55 27.57 -11.07 20.57
CA GLN B 55 26.13 -10.71 20.46
C GLN B 55 25.76 -10.50 18.98
N ILE B 56 24.64 -11.09 18.57
CA ILE B 56 24.12 -10.99 17.18
C ILE B 56 23.34 -9.69 17.12
N VAL B 57 23.53 -8.93 16.05
CA VAL B 57 22.85 -7.63 15.82
C VAL B 57 22.29 -7.63 14.39
N ALA B 58 21.37 -6.72 14.13
CA ALA B 58 20.89 -6.33 12.80
C ALA B 58 21.52 -4.97 12.47
N ILE B 59 22.09 -4.85 11.27
CA ILE B 59 22.73 -3.61 10.75
C ILE B 59 21.96 -3.18 9.50
N LYS B 60 21.29 -2.02 9.57
CA LYS B 60 20.62 -1.41 8.39
C LYS B 60 21.62 -0.45 7.77
N GLN B 61 21.88 -0.58 6.47
CA GLN B 61 22.82 0.29 5.72
C GLN B 61 22.02 1.22 4.78
N VAL B 62 22.20 2.53 4.94
CA VAL B 62 21.42 3.58 4.22
C VAL B 62 22.42 4.48 3.49
N PRO B 63 22.29 4.68 2.15
CA PRO B 63 23.20 5.57 1.42
C PRO B 63 23.02 6.99 1.97
N VAL B 64 24.13 7.68 2.21
CA VAL B 64 24.11 9.06 2.77
C VAL B 64 23.48 10.01 1.75
N GLU B 65 23.62 9.71 0.44
CA GLU B 65 23.04 10.49 -0.69
C GLU B 65 21.52 10.72 -0.56
N SER B 66 20.75 9.76 -0.01
CA SER B 66 19.26 9.80 0.05
C SER B 66 18.79 10.54 1.32
N ASP B 67 17.49 10.49 1.67
CA ASP B 67 16.84 11.34 2.72
C ASP B 67 17.33 11.01 4.14
N LEU B 68 18.48 11.57 4.55
CA LEU B 68 19.06 11.25 5.88
C LEU B 68 18.26 11.95 6.99
N GLN B 69 17.58 13.04 6.68
CA GLN B 69 16.69 13.77 7.61
C GLN B 69 15.76 12.80 8.37
N GLU B 70 15.02 11.96 7.65
CA GLU B 70 14.01 11.04 8.24
C GLU B 70 14.70 9.90 9.01
N ILE B 71 15.80 9.34 8.48
CA ILE B 71 16.50 8.25 9.21
C ILE B 71 17.07 8.80 10.53
N ILE B 72 17.59 10.03 10.53
CA ILE B 72 18.18 10.64 11.76
C ILE B 72 17.05 10.89 12.78
N LYS B 73 15.89 11.38 12.34
CA LYS B 73 14.69 11.52 13.21
C LYS B 73 14.33 10.17 13.82
N GLU B 74 14.28 9.12 13.01
CA GLU B 74 13.89 7.76 13.47
C GLU B 74 14.92 7.25 14.50
N ILE B 75 16.21 7.45 14.24
CA ILE B 75 17.30 7.03 15.16
C ILE B 75 17.08 7.69 16.53
N SER B 76 16.85 9.01 16.56
CA SER B 76 16.73 9.77 17.82
C SER B 76 15.52 9.25 18.62
N ILE B 77 14.41 8.88 17.97
CA ILE B 77 13.21 8.33 18.68
C ILE B 77 13.57 6.95 19.27
N MET B 78 14.23 6.08 18.53
CA MET B 78 14.67 4.73 19.00
C MET B 78 15.64 4.89 20.19
N GLN B 79 16.58 5.82 20.10
CA GLN B 79 17.62 5.99 21.15
C GLN B 79 16.95 6.54 22.41
N GLN B 80 15.76 7.17 22.32
CA GLN B 80 15.04 7.69 23.52
C GLN B 80 14.29 6.56 24.24
N CYS B 81 14.22 5.36 23.67
CA CYS B 81 13.43 4.21 24.21
C CYS B 81 14.40 3.21 24.82
N ASP B 82 14.07 2.74 26.02
CA ASP B 82 14.81 1.67 26.75
C ASP B 82 13.78 0.72 27.34
N SER B 83 13.31 -0.23 26.55
CA SER B 83 12.25 -1.18 26.97
C SER B 83 12.56 -2.53 26.34
N PRO B 84 12.35 -3.62 27.09
CA PRO B 84 12.40 -4.97 26.51
C PRO B 84 11.36 -5.20 25.40
N HIS B 85 10.35 -4.33 25.26
CA HIS B 85 9.24 -4.50 24.31
C HIS B 85 9.40 -3.56 23.12
N VAL B 86 10.55 -2.88 23.02
CA VAL B 86 10.89 -1.99 21.87
C VAL B 86 12.29 -2.35 21.35
N VAL B 87 12.43 -2.55 20.03
CA VAL B 87 13.73 -2.90 19.37
C VAL B 87 14.77 -1.87 19.79
N LYS B 88 15.88 -2.32 20.35
CA LYS B 88 16.96 -1.44 20.87
C LYS B 88 17.81 -0.91 19.73
N TYR B 89 18.29 0.33 19.85
CA TYR B 89 19.31 0.96 18.98
C TYR B 89 20.65 0.94 19.71
N TYR B 90 21.72 0.46 19.08
CA TYR B 90 23.05 0.34 19.71
C TYR B 90 23.94 1.51 19.27
N GLY B 91 23.73 2.03 18.06
CA GLY B 91 24.54 3.15 17.55
C GLY B 91 24.69 3.09 16.06
N SER B 92 25.44 4.05 15.54
CA SER B 92 25.63 4.24 14.08
C SER B 92 27.12 4.39 13.79
N TYR B 93 27.48 4.07 12.56
CA TYR B 93 28.83 4.28 11.99
C TYR B 93 28.67 4.82 10.57
N PHE B 94 29.59 5.71 10.19
CA PHE B 94 29.86 6.04 8.77
C PHE B 94 30.82 5.00 8.20
N LYS B 95 30.49 4.46 7.03
CA LYS B 95 31.34 3.51 6.30
C LYS B 95 31.24 3.85 4.82
N ASN B 96 32.33 4.36 4.25
CA ASN B 96 32.36 4.90 2.87
C ASN B 96 31.30 6.00 2.75
N THR B 97 30.26 5.78 1.96
CA THR B 97 29.15 6.76 1.73
C THR B 97 27.82 6.22 2.29
N ASP B 98 27.89 5.26 3.23
CA ASP B 98 26.69 4.70 3.91
C ASP B 98 26.73 5.04 5.41
N LEU B 99 25.52 5.10 5.97
CA LEU B 99 25.27 5.08 7.43
C LEU B 99 24.86 3.65 7.83
N TRP B 100 25.59 3.05 8.76
CA TRP B 100 25.26 1.72 9.34
C TRP B 100 24.54 1.92 10.67
N ILE B 101 23.30 1.43 10.76
CA ILE B 101 22.39 1.59 11.94
C ILE B 101 22.30 0.23 12.62
N VAL B 102 22.86 0.12 13.82
CA VAL B 102 23.04 -1.18 14.54
C VAL B 102 21.93 -1.29 15.57
N MET B 103 21.21 -2.41 15.51
CA MET B 103 20.00 -2.66 16.31
C MET B 103 19.98 -4.09 16.85
N GLU B 104 19.09 -4.33 17.81
CA GLU B 104 18.79 -5.64 18.40
C GLU B 104 18.27 -6.56 17.29
N TYR B 105 18.83 -7.77 17.22
CA TYR B 105 18.47 -8.83 16.25
C TYR B 105 17.17 -9.51 16.68
N CYS B 106 16.17 -9.54 15.80
CA CYS B 106 14.88 -10.24 16.01
C CYS B 106 14.74 -11.35 14.96
N GLY B 107 15.27 -12.53 15.27
CA GLY B 107 15.59 -13.58 14.28
C GLY B 107 14.35 -14.21 13.62
N ALA B 108 13.17 -14.14 14.23
CA ALA B 108 11.93 -14.71 13.61
C ALA B 108 11.31 -13.73 12.60
N GLY B 109 11.83 -12.50 12.49
CA GLY B 109 11.24 -11.46 11.63
C GLY B 109 9.91 -10.96 12.20
N SER B 110 9.03 -10.45 11.34
CA SER B 110 7.76 -9.80 11.75
C SER B 110 6.66 -10.84 11.96
N VAL B 111 5.59 -10.45 12.63
CA VAL B 111 4.42 -11.34 12.79
C VAL B 111 3.82 -11.61 11.40
N SER B 112 3.80 -10.64 10.48
CA SER B 112 3.20 -10.86 9.15
C SER B 112 4.12 -11.76 8.33
N ASP B 113 5.46 -11.69 8.50
CA ASP B 113 6.42 -12.68 7.92
C ASP B 113 6.05 -14.09 8.40
N ILE B 114 5.85 -14.29 9.70
CA ILE B 114 5.53 -15.62 10.29
C ILE B 114 4.18 -16.15 9.74
N ILE B 115 3.15 -15.31 9.63
CA ILE B 115 1.83 -15.73 9.06
C ILE B 115 2.04 -16.18 7.61
N ARG B 116 2.72 -15.39 6.79
CA ARG B 116 2.99 -15.69 5.34
C ARG B 116 3.85 -16.96 5.21
N LEU B 117 4.93 -17.12 5.99
CA LEU B 117 5.89 -18.25 5.86
C LEU B 117 5.19 -19.57 6.19
N ARG B 118 4.39 -19.65 7.27
CA ARG B 118 3.69 -20.88 7.69
C ARG B 118 2.41 -21.06 6.88
N ASN B 119 2.00 -20.02 6.14
CA ASN B 119 0.72 -19.96 5.39
C ASN B 119 -0.45 -20.28 6.36
N LYS B 120 -0.44 -19.68 7.55
CA LYS B 120 -1.42 -19.95 8.64
C LYS B 120 -1.59 -18.70 9.51
N THR B 121 -2.84 -18.37 9.82
CA THR B 121 -3.21 -17.34 10.83
C THR B 121 -2.80 -17.86 12.22
N LEU B 122 -2.69 -16.99 13.21
CA LEU B 122 -2.25 -17.35 14.58
C LEU B 122 -3.48 -17.78 15.38
N THR B 123 -3.31 -18.73 16.29
CA THR B 123 -4.38 -19.13 17.25
C THR B 123 -4.60 -18.00 18.27
N GLU B 124 -5.73 -18.04 18.98
CA GLU B 124 -6.07 -17.07 20.05
C GLU B 124 -4.95 -17.04 21.11
N ASP B 125 -4.43 -18.21 21.50
CA ASP B 125 -3.36 -18.27 22.54
C ASP B 125 -2.09 -17.58 22.03
N GLU B 126 -1.70 -17.84 20.78
CA GLU B 126 -0.50 -17.19 20.17
C GLU B 126 -0.75 -15.67 20.13
N ILE B 127 -1.94 -15.26 19.70
CA ILE B 127 -2.32 -13.82 19.60
C ILE B 127 -2.28 -13.17 21.00
N ALA B 128 -2.84 -13.83 22.02
CA ALA B 128 -2.90 -13.29 23.41
C ALA B 128 -1.48 -13.02 23.91
N THR B 129 -0.57 -13.97 23.71
CA THR B 129 0.85 -13.88 24.16
C THR B 129 1.54 -12.72 23.40
N ILE B 130 1.37 -12.61 22.08
CA ILE B 130 2.07 -11.53 21.32
C ILE B 130 1.50 -10.17 21.75
N LEU B 131 0.19 -10.07 21.88
CA LEU B 131 -0.45 -8.77 22.18
C LEU B 131 -0.16 -8.35 23.62
N GLN B 132 0.06 -9.29 24.55
CA GLN B 132 0.47 -8.91 25.91
C GLN B 132 1.80 -8.14 25.86
N SER B 133 2.80 -8.63 25.10
CA SER B 133 4.11 -7.96 24.99
C SER B 133 3.98 -6.65 24.23
N THR B 134 3.17 -6.64 23.17
CA THR B 134 2.87 -5.43 22.37
C THR B 134 2.28 -4.34 23.29
N LEU B 135 1.33 -4.71 24.15
CA LEU B 135 0.64 -3.78 25.06
C LEU B 135 1.66 -3.22 26.06
N LYS B 136 2.58 -4.04 26.56
CA LYS B 136 3.63 -3.50 27.48
C LYS B 136 4.49 -2.49 26.72
N GLY B 137 4.79 -2.75 25.44
CA GLY B 137 5.51 -1.78 24.58
C GLY B 137 4.71 -0.50 24.43
N LEU B 138 3.43 -0.60 24.17
CA LEU B 138 2.56 0.60 24.04
C LEU B 138 2.47 1.33 25.37
N GLU B 139 2.33 0.62 26.49
CA GLU B 139 2.20 1.26 27.81
C GLU B 139 3.44 2.14 28.05
N TYR B 140 4.61 1.57 27.75
CA TYR B 140 5.91 2.25 27.92
C TYR B 140 5.96 3.48 26.98
N LEU B 141 5.68 3.34 25.69
CA LEU B 141 5.74 4.47 24.74
C LEU B 141 4.78 5.58 25.18
N HIS B 142 3.57 5.20 25.60
CA HIS B 142 2.51 6.15 25.98
C HIS B 142 2.95 6.91 27.25
N PHE B 143 3.59 6.24 28.19
CA PHE B 143 4.13 6.93 29.40
C PHE B 143 5.15 7.98 28.95
N MET B 144 5.95 7.68 27.93
CA MET B 144 6.99 8.58 27.35
C MET B 144 6.37 9.56 26.34
N ARG B 145 5.05 9.59 26.23
CA ARG B 145 4.28 10.56 25.43
C ARG B 145 4.59 10.36 23.93
N LYS B 146 4.96 9.15 23.53
CA LYS B 146 5.14 8.75 22.13
C LYS B 146 3.89 8.05 21.60
N ILE B 147 3.54 8.37 20.36
CA ILE B 147 2.51 7.67 19.54
C ILE B 147 3.27 6.96 18.42
N HIS B 148 3.18 5.64 18.34
CA HIS B 148 3.87 4.87 17.29
C HIS B 148 3.31 5.25 15.91
N ARG B 149 1.97 5.23 15.77
CA ARG B 149 1.16 5.64 14.59
C ARG B 149 1.19 4.63 13.42
N ASP B 150 1.98 3.55 13.52
CA ASP B 150 2.06 2.52 12.45
C ASP B 150 2.04 1.11 13.04
N ILE B 151 1.20 0.87 14.05
CA ILE B 151 1.06 -0.46 14.67
C ILE B 151 0.34 -1.35 13.64
N LYS B 152 0.93 -2.51 13.36
CA LYS B 152 0.47 -3.52 12.36
C LYS B 152 1.35 -4.76 12.56
N ALA B 153 0.91 -5.92 12.08
CA ALA B 153 1.65 -7.20 12.27
C ALA B 153 3.06 -7.04 11.67
N GLY B 154 3.19 -6.27 10.60
CA GLY B 154 4.48 -6.03 9.92
C GLY B 154 5.50 -5.32 10.81
N ASN B 155 5.07 -4.57 11.82
CA ASN B 155 5.94 -3.73 12.67
C ASN B 155 6.09 -4.28 14.09
N ILE B 156 5.68 -5.53 14.32
CA ILE B 156 5.95 -6.30 15.58
C ILE B 156 6.95 -7.40 15.22
N LEU B 157 8.17 -7.33 15.76
CA LEU B 157 9.23 -8.33 15.48
C LEU B 157 9.30 -9.33 16.63
N LEU B 158 9.61 -10.59 16.34
CA LEU B 158 9.87 -11.61 17.40
C LEU B 158 11.35 -11.99 17.33
N ASN B 159 12.01 -12.05 18.49
CA ASN B 159 13.36 -12.67 18.59
C ASN B 159 13.15 -14.18 18.67
N THR B 160 14.25 -14.92 18.56
CA THR B 160 14.23 -16.41 18.42
C THR B 160 13.66 -17.03 19.69
N GLU B 161 13.74 -16.33 20.83
CA GLU B 161 13.17 -16.84 22.12
C GLU B 161 11.67 -16.49 22.20
N GLY B 162 11.09 -15.78 21.23
CA GLY B 162 9.62 -15.54 21.17
C GLY B 162 9.17 -14.25 21.85
N HIS B 163 10.07 -13.32 22.15
CA HIS B 163 9.74 -12.00 22.76
C HIS B 163 9.43 -10.99 21.64
N ALA B 164 8.26 -10.37 21.71
CA ALA B 164 7.73 -9.44 20.69
C ALA B 164 8.29 -8.05 20.98
N LYS B 165 8.67 -7.31 19.92
CA LYS B 165 9.21 -5.94 20.03
C LYS B 165 8.61 -5.04 18.94
N LEU B 166 8.16 -3.84 19.33
CA LEU B 166 7.72 -2.77 18.41
C LEU B 166 8.94 -2.25 17.63
N ALA B 167 8.74 -2.11 16.34
CA ALA B 167 9.77 -1.66 15.38
C ALA B 167 9.15 -0.59 14.49
N ASP B 168 10.02 0.12 13.78
CA ASP B 168 9.68 1.10 12.71
C ASP B 168 8.99 2.30 13.33
N PHE B 169 9.78 3.25 13.81
CA PHE B 169 9.33 4.57 14.32
C PHE B 169 9.39 5.62 13.20
N GLY B 170 9.24 5.20 11.94
CA GLY B 170 9.28 6.06 10.74
C GLY B 170 8.22 7.16 10.75
N VAL B 171 7.08 6.98 11.40
CA VAL B 171 6.02 8.04 11.44
C VAL B 171 5.60 8.36 12.88
N ALA B 172 6.39 8.01 13.88
CA ALA B 172 6.05 8.18 15.31
C ALA B 172 5.94 9.68 15.66
N GLY B 173 5.04 10.02 16.57
CA GLY B 173 4.84 11.40 17.09
C GLY B 173 5.22 11.53 18.55
N GLN B 174 5.41 12.76 19.00
CA GLN B 174 5.88 13.06 20.39
C GLN B 174 4.94 14.13 20.97
N LEU B 175 4.22 13.81 22.05
CA LEU B 175 3.46 14.83 22.80
C LEU B 175 4.44 15.53 23.73
N THR B 176 4.21 16.82 24.01
CA THR B 176 5.03 17.67 24.89
C THR B 176 4.09 18.54 25.72
N ASP B 177 4.63 19.29 26.68
CA ASP B 177 3.86 20.16 27.60
C ASP B 177 3.05 21.18 26.80
N MET B 179 2.38 20.72 23.46
CA MET B 179 1.68 20.04 22.37
C MET B 179 1.07 18.74 22.90
N ALA B 180 -0.13 18.83 23.46
CA ALA B 180 -0.82 17.71 24.14
C ALA B 180 -1.49 16.82 23.09
N LYS B 181 -1.61 17.31 21.84
CA LYS B 181 -2.17 16.55 20.68
C LYS B 181 -1.28 16.70 19.45
N ARG B 182 -1.25 15.65 18.61
CA ARG B 182 -0.74 15.70 17.23
C ARG B 182 -1.95 15.87 16.29
N ASN B 183 -1.68 16.35 15.08
CA ASN B 183 -2.64 16.69 13.99
C ASN B 183 -2.38 15.95 12.69
N VAL B 185 -2.15 13.71 9.66
CA VAL B 185 -2.86 12.56 9.14
C VAL B 185 -1.79 11.60 8.59
N ILE B 186 -1.43 10.57 9.35
CA ILE B 186 -0.31 9.69 8.95
C ILE B 186 -0.51 8.31 9.57
N GLY B 187 0.06 7.29 8.93
CA GLY B 187 -0.08 5.88 9.33
C GLY B 187 -0.24 5.05 8.07
N THR B 188 -0.72 3.81 8.21
CA THR B 188 -1.08 2.96 7.05
C THR B 188 -2.60 2.83 7.02
N PRO B 189 -3.27 3.33 5.95
CA PRO B 189 -4.74 3.45 5.94
C PRO B 189 -5.61 2.39 6.65
N PHE B 190 -5.43 1.09 6.41
CA PHE B 190 -6.37 0.06 6.96
C PHE B 190 -6.27 0.05 8.50
N TRP B 191 -5.16 0.51 9.09
CA TRP B 191 -4.87 0.45 10.54
C TRP B 191 -5.10 1.80 11.24
N MET B 192 -5.44 2.85 10.51
CA MET B 192 -5.51 4.23 11.04
C MET B 192 -6.81 4.45 11.82
N ALA B 193 -6.69 5.12 12.98
CA ALA B 193 -7.80 5.48 13.88
C ALA B 193 -8.68 6.56 13.23
N PRO B 194 -9.99 6.56 13.52
CA PRO B 194 -10.88 7.58 13.01
C PRO B 194 -10.42 9.01 13.32
N GLU B 195 -9.93 9.27 14.55
CA GLU B 195 -9.54 10.65 14.96
C GLU B 195 -8.25 11.09 14.24
N VAL B 196 -7.46 10.16 13.73
CA VAL B 196 -6.22 10.46 12.96
C VAL B 196 -6.60 10.87 11.55
N ILE B 197 -7.56 10.15 10.96
CA ILE B 197 -8.12 10.46 9.62
C ILE B 197 -8.81 11.84 9.66
N GLN B 198 -9.67 12.07 10.67
CA GLN B 198 -10.40 13.35 10.82
C GLN B 198 -9.43 14.44 11.25
N GLU B 199 -9.82 15.68 10.99
CA GLU B 199 -8.99 16.92 11.13
C GLU B 199 -8.58 17.10 12.60
N ILE B 200 -9.43 16.71 13.54
CA ILE B 200 -9.21 16.89 15.01
C ILE B 200 -7.88 16.25 15.40
N GLY B 201 -7.24 16.88 16.37
CA GLY B 201 -6.04 16.35 17.03
C GLY B 201 -6.34 15.07 17.81
N TYR B 202 -5.28 14.33 18.13
CA TYR B 202 -5.40 12.98 18.74
C TYR B 202 -4.19 12.77 19.63
N ASN B 203 -4.18 11.65 20.33
CA ASN B 203 -3.13 11.36 21.34
C ASN B 203 -2.78 9.88 21.28
N CYS B 204 -2.19 9.34 22.35
CA CYS B 204 -1.58 7.99 22.37
C CYS B 204 -2.62 6.90 22.02
N VAL B 205 -3.91 7.04 22.37
CA VAL B 205 -4.89 5.92 22.21
C VAL B 205 -5.22 5.67 20.74
N ALA B 206 -4.75 6.49 19.80
CA ALA B 206 -4.79 6.17 18.35
C ALA B 206 -4.14 4.80 18.14
N ASP B 207 -3.06 4.50 18.87
CA ASP B 207 -2.32 3.22 18.74
C ASP B 207 -3.19 2.04 19.22
N ILE B 208 -4.14 2.28 20.13
CA ILE B 208 -4.99 1.18 20.66
C ILE B 208 -5.99 0.76 19.56
N TRP B 209 -6.52 1.70 18.78
CA TRP B 209 -7.34 1.39 17.59
C TRP B 209 -6.50 0.52 16.65
N SER B 210 -5.29 0.98 16.29
CA SER B 210 -4.39 0.24 15.38
C SER B 210 -4.15 -1.18 15.93
N LEU B 211 -3.96 -1.33 17.24
CA LEU B 211 -3.80 -2.64 17.92
C LEU B 211 -5.00 -3.54 17.64
N GLY B 212 -6.22 -3.01 17.74
CA GLY B 212 -7.43 -3.80 17.46
C GLY B 212 -7.45 -4.30 16.03
N ILE B 213 -7.14 -3.43 15.08
CA ILE B 213 -7.07 -3.86 13.66
C ILE B 213 -5.98 -4.93 13.54
N THR B 214 -4.85 -4.78 14.23
CA THR B 214 -3.72 -5.75 14.19
C THR B 214 -4.21 -7.11 14.72
N ALA B 215 -5.05 -7.13 15.75
CA ALA B 215 -5.59 -8.38 16.34
C ALA B 215 -6.41 -9.13 15.28
N ILE B 216 -7.26 -8.41 14.53
CA ILE B 216 -8.04 -9.02 13.41
C ILE B 216 -7.06 -9.53 12.35
N GLU B 217 -6.08 -8.70 11.98
CA GLU B 217 -5.04 -9.07 10.97
C GLU B 217 -4.38 -10.40 11.34
N MET B 218 -4.03 -10.61 12.61
CA MET B 218 -3.30 -11.82 13.06
C MET B 218 -4.24 -13.03 13.06
N ALA B 219 -5.52 -12.81 13.30
CA ALA B 219 -6.55 -13.89 13.38
C ALA B 219 -7.03 -14.27 11.96
N GLU B 220 -7.11 -13.30 11.03
CA GLU B 220 -7.70 -13.49 9.68
C GLU B 220 -6.63 -13.41 8.58
N GLY B 221 -5.44 -12.87 8.85
CA GLY B 221 -4.35 -12.84 7.86
C GLY B 221 -4.29 -11.48 7.16
N LYS B 222 -5.34 -10.67 7.29
CA LYS B 222 -5.36 -9.31 6.70
C LYS B 222 -6.37 -8.47 7.47
N PRO B 223 -6.21 -7.12 7.53
CA PRO B 223 -7.14 -6.25 8.23
C PRO B 223 -8.46 -6.17 7.47
N PRO B 224 -9.53 -5.67 8.12
CA PRO B 224 -10.75 -5.27 7.44
C PRO B 224 -10.39 -4.28 6.30
N TYR B 225 -11.10 -4.40 5.18
CA TYR B 225 -11.02 -3.55 3.96
C TYR B 225 -9.78 -3.88 3.13
N ALA B 226 -9.09 -5.00 3.40
CA ALA B 226 -7.77 -5.30 2.79
C ALA B 226 -7.93 -5.35 1.27
N ASP B 227 -9.12 -5.62 0.76
CA ASP B 227 -9.35 -5.94 -0.66
C ASP B 227 -9.94 -4.74 -1.41
N ILE B 228 -10.15 -3.60 -0.76
CA ILE B 228 -10.62 -2.37 -1.44
C ILE B 228 -9.46 -1.36 -1.50
N HIS B 229 -9.69 -0.24 -2.18
CA HIS B 229 -8.71 0.87 -2.26
C HIS B 229 -8.48 1.40 -0.84
N PRO B 230 -7.20 1.57 -0.44
CA PRO B 230 -6.87 2.27 0.79
C PRO B 230 -7.62 3.59 1.01
N MET B 231 -7.74 4.44 -0.03
CA MET B 231 -8.44 5.75 0.13
C MET B 231 -9.95 5.54 0.35
N ARG B 232 -10.53 4.43 -0.13
CA ARG B 232 -11.93 4.10 0.20
C ARG B 232 -11.99 3.68 1.68
N ALA B 233 -11.02 2.94 2.19
CA ALA B 233 -10.94 2.66 3.65
C ALA B 233 -10.88 3.98 4.43
N ILE B 234 -10.07 4.93 3.99
CA ILE B 234 -9.95 6.26 4.65
C ILE B 234 -11.32 6.95 4.71
N PHE B 235 -12.15 6.81 3.65
CA PHE B 235 -13.49 7.44 3.58
C PHE B 235 -14.41 6.78 4.61
N MET B 236 -14.29 5.47 4.76
CA MET B 236 -15.29 4.64 5.52
C MET B 236 -14.96 4.56 7.01
N ILE B 237 -13.68 4.56 7.39
CA ILE B 237 -13.26 4.29 8.81
C ILE B 237 -14.01 5.24 9.75
N PRO B 238 -14.12 6.57 9.47
CA PRO B 238 -14.83 7.47 10.37
C PRO B 238 -16.35 7.24 10.44
N THR B 239 -17.00 6.78 9.37
CA THR B 239 -18.49 6.74 9.27
C THR B 239 -19.02 5.34 9.58
N ASN B 240 -18.26 4.28 9.32
CA ASN B 240 -18.73 2.89 9.51
C ASN B 240 -18.68 2.52 10.99
N PRO B 241 -19.55 1.58 11.41
CA PRO B 241 -19.46 1.01 12.74
C PRO B 241 -18.07 0.39 12.90
N PRO B 242 -17.61 0.19 14.14
CA PRO B 242 -16.32 -0.46 14.37
C PRO B 242 -16.34 -1.81 13.65
N PRO B 243 -15.24 -2.26 13.02
CA PRO B 243 -15.19 -3.58 12.42
C PRO B 243 -15.24 -4.71 13.45
N THR B 244 -15.61 -5.91 13.01
CA THR B 244 -15.39 -7.14 13.81
C THR B 244 -14.98 -8.29 12.91
N PHE B 245 -14.91 -9.49 13.45
CA PHE B 245 -14.39 -10.69 12.75
C PHE B 245 -15.32 -10.98 11.57
N ARG B 246 -14.76 -11.46 10.46
CA ARG B 246 -15.51 -11.91 9.25
C ARG B 246 -16.39 -13.13 9.63
N LYS B 247 -15.93 -14.02 10.53
CA LYS B 247 -16.70 -15.25 10.96
C LYS B 247 -16.76 -15.38 12.49
N PRO B 248 -17.65 -14.57 13.12
CA PRO B 248 -17.62 -14.32 14.56
C PRO B 248 -17.69 -15.61 15.40
N GLU B 249 -18.37 -16.61 14.87
CA GLU B 249 -18.58 -17.91 15.56
C GLU B 249 -17.25 -18.67 15.75
N LEU B 250 -16.16 -18.34 15.05
CA LEU B 250 -14.84 -19.01 15.24
C LEU B 250 -14.12 -18.56 16.51
N TRP B 251 -14.54 -17.47 17.17
CA TRP B 251 -13.70 -16.74 18.14
C TRP B 251 -14.37 -16.66 19.51
N SER B 252 -13.59 -16.75 20.59
CA SER B 252 -14.09 -16.74 21.99
C SER B 252 -14.76 -15.39 22.30
N ASP B 253 -15.64 -15.38 23.30
CA ASP B 253 -16.27 -14.16 23.88
C ASP B 253 -15.14 -13.20 24.33
N ASN B 254 -14.07 -13.71 24.95
CA ASN B 254 -12.93 -12.87 25.44
C ASN B 254 -12.25 -12.17 24.26
N PHE B 255 -11.91 -12.91 23.20
CA PHE B 255 -11.19 -12.32 22.05
C PHE B 255 -12.11 -11.30 21.37
N THR B 256 -13.38 -11.66 21.14
CA THR B 256 -14.39 -10.76 20.53
C THR B 256 -14.48 -9.46 21.37
N ASP B 257 -14.60 -9.59 22.68
CA ASP B 257 -14.71 -8.41 23.58
C ASP B 257 -13.39 -7.59 23.54
N PHE B 258 -12.23 -8.24 23.47
CA PHE B 258 -10.93 -7.53 23.46
C PHE B 258 -10.88 -6.59 22.25
N VAL B 259 -11.22 -7.11 21.08
CA VAL B 259 -11.25 -6.34 19.79
C VAL B 259 -12.27 -5.20 19.91
N LYS B 260 -13.48 -5.49 20.40
CA LYS B 260 -14.50 -4.43 20.61
C LYS B 260 -13.95 -3.29 21.48
N GLN B 261 -13.20 -3.58 22.55
CA GLN B 261 -12.66 -2.52 23.45
C GLN B 261 -11.60 -1.71 22.69
N CYS B 262 -10.72 -2.36 21.93
CA CYS B 262 -9.68 -1.67 21.13
C CYS B 262 -10.35 -0.73 20.13
N LEU B 263 -11.45 -1.15 19.52
CA LEU B 263 -12.06 -0.43 18.37
C LEU B 263 -13.29 0.38 18.82
N VAL B 264 -13.16 1.08 19.93
CA VAL B 264 -14.16 2.09 20.35
C VAL B 264 -13.84 3.36 19.55
N LYS B 265 -14.80 3.93 18.85
CA LYS B 265 -14.54 5.02 17.89
C LYS B 265 -14.20 6.30 18.63
N SER B 266 -14.85 6.57 19.77
CA SER B 266 -14.53 7.75 20.61
C SER B 266 -13.15 7.56 21.25
N PRO B 267 -12.13 8.38 20.89
CA PRO B 267 -10.82 8.23 21.54
C PRO B 267 -10.86 8.52 23.05
N GLU B 268 -11.72 9.44 23.48
CA GLU B 268 -11.84 9.87 24.89
C GLU B 268 -12.32 8.64 25.72
N GLN B 269 -13.13 7.75 25.13
CA GLN B 269 -13.72 6.59 25.87
C GLN B 269 -12.84 5.37 25.71
N ARG B 270 -11.92 5.35 24.75
CA ARG B 270 -11.18 4.12 24.40
C ARG B 270 -10.29 3.74 25.61
N ALA B 271 -10.21 2.44 25.88
CA ALA B 271 -9.29 1.81 26.85
C ALA B 271 -7.84 2.24 26.55
N THR B 272 -7.05 2.39 27.62
CA THR B 272 -5.58 2.59 27.56
C THR B 272 -4.88 1.23 27.45
N ALA B 273 -3.58 1.25 27.15
CA ALA B 273 -2.70 0.06 27.20
C ALA B 273 -2.77 -0.61 28.59
N THR B 274 -2.65 0.19 29.66
CA THR B 274 -2.64 -0.28 31.06
C THR B 274 -3.92 -1.06 31.33
N GLN B 275 -5.07 -0.48 30.99
CA GLN B 275 -6.39 -1.11 31.20
C GLN B 275 -6.50 -2.41 30.38
N LEU B 276 -6.03 -2.44 29.13
CA LEU B 276 -6.17 -3.64 28.26
C LEU B 276 -5.24 -4.78 28.71
N LEU B 277 -4.14 -4.49 29.40
CA LEU B 277 -3.28 -5.53 30.02
C LEU B 277 -4.08 -6.31 31.08
N GLN B 278 -5.17 -5.75 31.63
CA GLN B 278 -6.05 -6.43 32.61
C GLN B 278 -7.26 -7.08 31.92
N HIS B 279 -7.42 -6.95 30.60
CA HIS B 279 -8.55 -7.61 29.88
C HIS B 279 -8.40 -9.12 29.98
N PRO B 280 -9.47 -9.90 30.28
CA PRO B 280 -9.35 -11.36 30.40
C PRO B 280 -8.65 -12.05 29.20
N PHE B 281 -8.82 -11.56 27.96
CA PHE B 281 -8.11 -12.12 26.77
C PHE B 281 -6.59 -12.05 26.97
N VAL B 282 -6.08 -10.95 27.52
CA VAL B 282 -4.62 -10.69 27.64
C VAL B 282 -4.09 -11.21 28.98
N ARG B 283 -4.79 -10.97 30.07
CA ARG B 283 -4.25 -11.05 31.46
C ARG B 283 -3.76 -12.49 31.75
N SER B 284 -4.37 -13.50 31.14
CA SER B 284 -4.01 -14.92 31.36
C SER B 284 -3.26 -15.51 30.16
N ALA B 285 -2.63 -14.69 29.31
CA ALA B 285 -1.83 -15.18 28.17
C ALA B 285 -0.76 -16.16 28.70
N LYS B 286 -0.47 -17.19 27.92
CA LYS B 286 0.64 -18.13 28.19
C LYS B 286 2.00 -17.45 27.98
N GLY B 287 3.05 -18.06 28.51
CA GLY B 287 4.43 -17.63 28.29
C GLY B 287 4.84 -17.77 26.83
N VAL B 288 6.01 -17.21 26.52
CA VAL B 288 6.58 -17.14 25.15
C VAL B 288 6.88 -18.55 24.61
N SER B 289 6.97 -19.58 25.46
CA SER B 289 7.23 -20.97 25.02
C SER B 289 6.19 -21.38 23.96
N ILE B 290 4.92 -20.94 24.06
CA ILE B 290 3.87 -21.37 23.09
C ILE B 290 4.15 -20.76 21.71
N LEU B 291 5.08 -19.82 21.59
CA LEU B 291 5.49 -19.25 20.28
C LEU B 291 6.67 -20.04 19.69
N ARG B 292 7.19 -21.08 20.37
CA ARG B 292 8.50 -21.68 19.99
C ARG B 292 8.26 -22.67 18.85
N ASP B 293 7.20 -23.48 18.91
CA ASP B 293 6.77 -24.32 17.75
C ASP B 293 6.63 -23.43 16.52
N LEU B 294 5.86 -22.34 16.68
CA LEU B 294 5.49 -21.52 15.51
C LEU B 294 6.74 -20.80 14.99
N ILE B 295 7.64 -20.33 15.85
CA ILE B 295 8.89 -19.65 15.40
C ILE B 295 9.79 -20.67 14.67
N ASN B 296 9.92 -21.88 15.20
CA ASN B 296 10.78 -22.94 14.62
C ASN B 296 10.27 -23.27 13.21
N GLU B 297 8.97 -23.56 13.05
CA GLU B 297 8.34 -23.82 11.74
C GLU B 297 8.60 -22.64 10.78
N ALA B 298 8.41 -21.40 11.24
CA ALA B 298 8.53 -20.17 10.42
C ALA B 298 9.96 -20.02 9.87
N MET B 299 10.97 -20.47 10.62
CA MET B 299 12.40 -20.37 10.23
C MET B 299 12.81 -21.60 9.37
N ASP B 300 12.20 -22.78 9.57
CA ASP B 300 12.45 -24.03 8.77
C ASP B 300 12.31 -23.72 7.26
#